data_5NZO
#
_entry.id   5NZO
#
_cell.length_a   43.391
_cell.length_b   45.783
_cell.length_c   54.807
_cell.angle_alpha   97.050
_cell.angle_beta   110.120
_cell.angle_gamma   106.650
#
_symmetry.space_group_name_H-M   'P 1'
#
loop_
_entity.id
_entity.type
_entity.pdbx_description
1 polymer 'D-3-phosphoglycerate dehydrogenase'
2 non-polymer 2-methyl-5-phenyl-pyrazol-3-amine
3 water water
#
_entity_poly.entity_id   1
_entity_poly.type   'polypeptide(L)'
_entity_poly.pdbx_seq_one_letter_code
;NGNSLSAAELTCGMIMCLARQIPQATASMKDGKWERKKFMGTELNGKTLGILGLGRIGREVATRMQSFGMKTIGYDPIIS
PEVSASFGVQQLPLEEIWPLCDFITVHTPLLPSTTGLLNDNTFAQCKKGVRVVNCARGGIVDEGALLRALQSGQCAGAAL
DVFTEEPPRDRALVDHENVISCPHLGASTKEAQSR
;
_entity_poly.pdbx_strand_id   B,A
#
loop_
_chem_comp.id
_chem_comp.type
_chem_comp.name
_chem_comp.formula
9EZ non-polymer 2-methyl-5-phenyl-pyrazol-3-amine 'C10 H11 N3'
#
# COMPACT_ATOMS: atom_id res chain seq x y z
N ASN A 1 -17.80 10.23 3.60
CA ASN A 1 -18.06 11.53 2.87
C ASN A 1 -16.84 12.49 2.84
N GLY A 2 -16.56 13.18 3.94
CA GLY A 2 -15.20 13.61 4.20
C GLY A 2 -14.30 12.36 4.15
N ASN A 3 -14.75 11.32 4.86
CA ASN A 3 -13.97 10.13 5.15
C ASN A 3 -13.93 9.08 4.01
N SER A 4 -14.63 9.33 2.88
CA SER A 4 -14.64 8.38 1.74
C SER A 4 -13.22 8.03 1.27
N LEU A 5 -12.43 9.08 1.04
CA LEU A 5 -11.01 8.91 0.69
C LEU A 5 -10.16 8.23 1.71
N SER A 6 -10.36 8.53 2.99
CA SER A 6 -9.55 7.86 4.03
C SER A 6 -9.75 6.33 4.02
N ALA A 7 -11.02 5.93 3.81
CA ALA A 7 -11.37 4.52 3.73
C ALA A 7 -10.91 3.84 2.46
N ALA A 8 -11.09 4.56 1.36
CA ALA A 8 -10.66 4.06 0.08
C ALA A 8 -9.14 3.87 0.07
N GLU A 9 -8.41 4.89 0.59
CA GLU A 9 -6.94 4.78 0.66
C GLU A 9 -6.47 3.57 1.45
N LEU A 10 -7.11 3.37 2.61
CA LEU A 10 -6.72 2.23 3.45
C LEU A 10 -6.91 0.92 2.76
N THR A 11 -8.09 0.84 2.10
CA THR A 11 -8.41 -0.35 1.33
C THR A 11 -7.32 -0.68 0.27
N CYS A 12 -6.94 0.35 -0.49
CA CYS A 12 -5.90 0.12 -1.49
C CYS A 12 -4.51 -0.26 -0.89
N GLY A 13 -4.21 0.35 0.26
CA GLY A 13 -3.00 0.01 1.07
C GLY A 13 -3.00 -1.46 1.41
N MET A 14 -4.21 -1.94 1.83
N MET A 14 -4.21 -1.94 1.82
CA MET A 14 -4.38 -3.33 2.28
CA MET A 14 -4.36 -3.34 2.25
C MET A 14 -4.22 -4.29 1.09
C MET A 14 -4.22 -4.30 1.08
N ILE A 15 -4.76 -3.90 -0.06
CA ILE A 15 -4.56 -4.66 -1.28
C ILE A 15 -3.01 -4.81 -1.57
N MET A 16 -2.29 -3.69 -1.63
N MET A 16 -2.29 -3.69 -1.59
CA MET A 16 -0.83 -3.75 -1.88
CA MET A 16 -0.83 -3.73 -1.76
C MET A 16 -0.09 -4.57 -0.78
C MET A 16 -0.11 -4.60 -0.76
N CYS A 17 -0.50 -4.42 0.49
CA CYS A 17 0.05 -5.28 1.54
C CYS A 17 -0.16 -6.77 1.37
N LEU A 18 -1.36 -7.14 0.90
CA LEU A 18 -1.63 -8.55 0.56
C LEU A 18 -0.76 -9.06 -0.57
N ALA A 19 -0.55 -8.24 -1.59
CA ALA A 19 0.23 -8.70 -2.73
C ALA A 19 1.70 -8.91 -2.39
N ARG A 20 2.18 -8.13 -1.42
CA ARG A 20 3.63 -8.13 -1.18
C ARG A 20 4.02 -8.48 0.22
N GLN A 21 3.09 -8.66 1.10
CA GLN A 21 3.37 -9.05 2.48
C GLN A 21 4.27 -8.12 3.25
N ILE A 22 4.04 -6.84 3.04
CA ILE A 22 4.86 -5.82 3.64
C ILE A 22 4.80 -5.93 5.18
N PRO A 23 3.60 -6.05 5.79
CA PRO A 23 3.62 -6.15 7.26
C PRO A 23 4.44 -7.32 7.82
N GLN A 24 4.30 -8.48 7.20
CA GLN A 24 4.95 -9.69 7.64
C GLN A 24 6.47 -9.55 7.43
N ALA A 25 6.77 -8.95 6.28
CA ALA A 25 8.23 -8.70 5.98
C ALA A 25 8.91 -7.76 7.02
N THR A 26 8.25 -6.66 7.36
CA THR A 26 8.72 -5.72 8.36
C THR A 26 8.96 -6.45 9.69
N ALA A 27 7.98 -7.28 10.09
CA ALA A 27 8.14 -8.02 11.37
C ALA A 27 9.28 -9.00 11.30
N SER A 28 9.45 -9.63 10.15
CA SER A 28 10.64 -10.52 9.93
C SER A 28 11.95 -9.72 10.08
N MET A 29 12.03 -8.57 9.41
CA MET A 29 13.22 -7.75 9.53
C MET A 29 13.48 -7.28 10.92
N LYS A 30 12.45 -6.90 11.66
CA LYS A 30 12.58 -6.43 13.03
C LYS A 30 13.02 -7.53 14.02
N ASP A 31 12.81 -8.76 13.63
N ASP A 31 12.80 -8.77 13.62
CA ASP A 31 13.25 -9.90 14.39
CA ASP A 31 13.25 -9.94 14.33
C ASP A 31 14.66 -10.37 13.96
C ASP A 31 14.68 -10.37 13.97
N GLY A 32 15.31 -9.61 13.08
CA GLY A 32 16.71 -9.85 12.72
C GLY A 32 16.88 -10.80 11.57
N LYS A 33 15.76 -11.13 10.94
CA LYS A 33 15.79 -12.09 9.85
C LYS A 33 15.89 -11.42 8.49
N TRP A 34 16.28 -12.21 7.47
CA TRP A 34 16.40 -11.77 6.08
C TRP A 34 15.89 -12.90 5.21
N GLU A 35 14.58 -12.85 4.96
CA GLU A 35 13.77 -14.01 4.48
C GLU A 35 13.20 -13.72 3.08
N ARG A 36 14.08 -13.79 2.10
CA ARG A 36 13.70 -13.36 0.75
C ARG A 36 12.74 -14.34 0.06
N LYS A 37 13.02 -15.63 0.21
CA LYS A 37 12.18 -16.69 -0.40
C LYS A 37 10.76 -16.70 0.21
N LYS A 38 10.67 -16.67 1.53
CA LYS A 38 9.38 -16.60 2.21
C LYS A 38 8.44 -15.50 1.70
N PHE A 39 8.94 -14.33 1.35
CA PHE A 39 8.01 -13.23 1.01
C PHE A 39 8.00 -12.89 -0.47
N MET A 40 8.39 -13.85 -1.33
CA MET A 40 7.96 -13.86 -2.74
C MET A 40 6.47 -13.52 -2.89
N GLY A 41 6.16 -12.47 -3.63
CA GLY A 41 4.80 -11.98 -3.76
C GLY A 41 4.26 -12.00 -5.18
N THR A 42 3.30 -11.12 -5.44
CA THR A 42 2.56 -11.15 -6.70
C THR A 42 2.34 -9.72 -7.21
N GLU A 43 2.37 -9.59 -8.51
CA GLU A 43 2.08 -8.30 -9.18
C GLU A 43 0.58 -8.07 -9.31
N LEU A 44 0.12 -6.87 -9.05
CA LEU A 44 -1.32 -6.51 -9.20
C LEU A 44 -1.68 -6.29 -10.64
N ASN A 45 -0.74 -5.84 -11.45
CA ASN A 45 -1.04 -5.61 -12.86
C ASN A 45 -1.60 -6.87 -13.49
N GLY A 46 -2.72 -6.74 -14.19
CA GLY A 46 -3.36 -7.85 -14.85
C GLY A 46 -4.31 -8.68 -14.03
N LYS A 47 -4.37 -8.41 -12.73
N LYS A 47 -4.36 -8.42 -12.74
CA LYS A 47 -5.19 -9.22 -11.83
CA LYS A 47 -5.18 -9.23 -11.82
C LYS A 47 -6.59 -8.66 -11.78
C LYS A 47 -6.59 -8.65 -11.78
N THR A 48 -7.55 -9.52 -11.47
CA THR A 48 -8.93 -9.08 -11.27
C THR A 48 -9.25 -8.76 -9.83
N LEU A 49 -9.81 -7.58 -9.63
CA LEU A 49 -10.32 -7.08 -8.40
C LEU A 49 -11.84 -7.01 -8.45
N GLY A 50 -12.49 -7.73 -7.52
CA GLY A 50 -13.99 -7.69 -7.37
C GLY A 50 -14.35 -6.76 -6.27
N ILE A 51 -15.23 -5.81 -6.61
CA ILE A 51 -15.63 -4.81 -5.69
C ILE A 51 -17.14 -5.04 -5.42
N LEU A 52 -17.43 -5.36 -4.17
CA LEU A 52 -18.85 -5.62 -3.79
C LEU A 52 -19.30 -4.42 -3.03
N GLY A 53 -20.19 -3.62 -3.66
CA GLY A 53 -20.58 -2.32 -3.12
C GLY A 53 -19.88 -1.25 -3.96
N LEU A 54 -20.64 -0.53 -4.78
CA LEU A 54 -20.18 0.41 -5.74
C LEU A 54 -20.62 1.86 -5.54
N GLY A 55 -20.78 2.19 -4.25
CA GLY A 55 -20.95 3.55 -3.78
C GLY A 55 -19.65 4.32 -3.81
N ARG A 56 -19.61 5.41 -3.09
CA ARG A 56 -18.52 6.35 -3.23
C ARG A 56 -17.21 5.67 -2.93
N ILE A 57 -17.15 4.92 -1.83
CA ILE A 57 -15.87 4.29 -1.47
C ILE A 57 -15.46 3.28 -2.53
N GLY A 58 -16.34 2.33 -2.85
CA GLY A 58 -16.05 1.38 -3.89
C GLY A 58 -15.53 1.97 -5.20
N ARG A 59 -16.12 3.09 -5.61
CA ARG A 59 -15.77 3.80 -6.86
C ARG A 59 -14.33 4.33 -6.79
N GLU A 60 -14.02 4.92 -5.64
N GLU A 60 -14.03 4.94 -5.65
CA GLU A 60 -12.67 5.49 -5.42
CA GLU A 60 -12.68 5.52 -5.40
C GLU A 60 -11.58 4.43 -5.36
C GLU A 60 -11.58 4.44 -5.36
N VAL A 61 -11.87 3.30 -4.75
CA VAL A 61 -10.93 2.18 -4.78
C VAL A 61 -10.75 1.79 -6.25
N ALA A 62 -11.84 1.63 -6.98
CA ALA A 62 -11.74 1.24 -8.36
C ALA A 62 -10.79 2.09 -9.19
N THR A 63 -11.00 3.38 -9.15
CA THR A 63 -10.16 4.22 -10.01
C THR A 63 -8.66 4.23 -9.60
N ARG A 64 -8.40 4.11 -8.32
CA ARG A 64 -6.98 3.95 -7.86
C ARG A 64 -6.40 2.64 -8.34
N MET A 65 -7.17 1.53 -8.19
CA MET A 65 -6.59 0.27 -8.56
C MET A 65 -6.50 0.03 -10.08
N GLN A 66 -7.37 0.73 -10.82
CA GLN A 66 -7.24 0.75 -12.29
C GLN A 66 -5.83 1.29 -12.73
N SER A 67 -5.28 2.21 -11.95
CA SER A 67 -3.96 2.82 -12.34
C SER A 67 -2.84 1.77 -12.21
N PHE A 68 -3.11 0.69 -11.49
CA PHE A 68 -2.16 -0.44 -11.33
C PHE A 68 -2.37 -1.46 -12.42
N GLY A 69 -3.30 -1.22 -13.33
CA GLY A 69 -3.60 -2.23 -14.33
C GLY A 69 -4.51 -3.38 -13.86
N MET A 70 -5.17 -3.17 -12.73
CA MET A 70 -6.18 -4.22 -12.33
C MET A 70 -7.47 -4.15 -13.13
N LYS A 71 -8.04 -5.31 -13.45
N LYS A 71 -8.04 -5.29 -13.45
CA LYS A 71 -9.38 -5.41 -14.06
CA LYS A 71 -9.39 -5.37 -14.01
C LYS A 71 -10.42 -5.34 -12.91
C LYS A 71 -10.34 -5.25 -12.84
N THR A 72 -11.31 -4.34 -12.93
CA THR A 72 -12.21 -4.04 -11.86
C THR A 72 -13.61 -4.41 -12.29
N ILE A 73 -14.18 -5.41 -11.59
CA ILE A 73 -15.53 -5.92 -11.77
C ILE A 73 -16.24 -5.77 -10.44
N GLY A 74 -17.56 -5.89 -10.46
CA GLY A 74 -18.26 -5.72 -9.18
C GLY A 74 -19.77 -5.91 -9.27
N TYR A 75 -20.38 -5.71 -8.13
CA TYR A 75 -21.80 -5.93 -7.95
C TYR A 75 -22.29 -4.88 -6.97
N ASP A 76 -23.49 -4.37 -7.24
CA ASP A 76 -24.23 -3.52 -6.35
C ASP A 76 -25.71 -3.72 -6.77
N PRO A 77 -26.60 -3.97 -5.81
CA PRO A 77 -28.03 -4.23 -6.17
C PRO A 77 -28.73 -2.95 -6.55
N ILE A 78 -28.08 -1.80 -6.27
CA ILE A 78 -28.75 -0.50 -6.29
C ILE A 78 -28.23 0.44 -7.39
N ILE A 79 -26.92 0.48 -7.54
CA ILE A 79 -26.21 1.31 -8.50
C ILE A 79 -26.38 0.72 -9.86
N SER A 80 -26.69 1.63 -10.80
CA SER A 80 -26.93 1.18 -12.15
C SER A 80 -25.64 0.81 -12.86
N PRO A 81 -25.72 -0.16 -13.79
CA PRO A 81 -24.52 -0.51 -14.56
C PRO A 81 -23.94 0.67 -15.38
N GLU A 82 -24.79 1.62 -15.78
N GLU A 82 -24.77 1.63 -15.80
CA GLU A 82 -24.34 2.84 -16.49
CA GLU A 82 -24.26 2.83 -16.51
C GLU A 82 -23.42 3.72 -15.61
C GLU A 82 -23.39 3.71 -15.60
N VAL A 83 -23.80 3.85 -14.34
CA VAL A 83 -23.06 4.65 -13.38
C VAL A 83 -21.73 3.96 -13.14
N SER A 84 -21.75 2.66 -12.85
CA SER A 84 -20.52 1.97 -12.57
C SER A 84 -19.59 1.97 -13.79
N ALA A 85 -20.16 1.82 -14.98
CA ALA A 85 -19.39 1.89 -16.22
C ALA A 85 -18.67 3.23 -16.34
N SER A 86 -19.29 4.30 -15.82
CA SER A 86 -18.66 5.63 -15.86
C SER A 86 -17.39 5.74 -15.02
N PHE A 87 -17.24 4.83 -14.04
CA PHE A 87 -15.96 4.71 -13.33
C PHE A 87 -15.24 3.37 -13.57
N GLY A 88 -15.48 2.77 -14.74
CA GLY A 88 -14.75 1.61 -15.20
C GLY A 88 -14.94 0.27 -14.47
N VAL A 89 -16.10 0.09 -13.82
CA VAL A 89 -16.39 -1.18 -13.15
C VAL A 89 -17.54 -1.88 -13.90
N GLN A 90 -17.20 -3.06 -14.40
CA GLN A 90 -18.13 -3.92 -15.07
C GLN A 90 -18.93 -4.63 -14.02
N GLN A 91 -20.25 -4.39 -14.07
CA GLN A 91 -21.11 -5.07 -13.13
C GLN A 91 -21.56 -6.42 -13.67
N LEU A 92 -21.55 -7.42 -12.78
CA LEU A 92 -21.99 -8.82 -13.06
C LEU A 92 -22.81 -9.33 -11.89
N PRO A 93 -23.65 -10.33 -12.11
CA PRO A 93 -24.26 -10.95 -10.95
C PRO A 93 -23.23 -11.64 -10.03
N LEU A 94 -23.50 -11.63 -8.74
CA LEU A 94 -22.59 -12.22 -7.73
C LEU A 94 -22.04 -13.54 -8.07
N GLU A 95 -22.91 -14.45 -8.48
CA GLU A 95 -22.44 -15.81 -8.75
C GLU A 95 -21.37 -15.82 -9.87
N GLU A 96 -21.41 -14.84 -10.76
CA GLU A 96 -20.35 -14.67 -11.79
C GLU A 96 -19.07 -14.08 -11.25
N ILE A 97 -19.17 -13.36 -10.16
CA ILE A 97 -18.00 -12.61 -9.64
C ILE A 97 -17.03 -13.60 -9.00
N TRP A 98 -17.52 -14.45 -8.13
CA TRP A 98 -16.66 -15.27 -7.30
C TRP A 98 -15.55 -15.96 -8.04
N PRO A 99 -15.87 -16.70 -9.10
CA PRO A 99 -14.78 -17.47 -9.75
C PRO A 99 -13.70 -16.63 -10.48
N LEU A 100 -14.03 -15.38 -10.80
CA LEU A 100 -13.13 -14.47 -11.57
C LEU A 100 -12.04 -13.78 -10.76
N CYS A 101 -12.25 -13.64 -9.48
CA CYS A 101 -11.50 -12.64 -8.70
C CYS A 101 -10.20 -13.21 -8.24
N ASP A 102 -9.11 -12.39 -8.35
CA ASP A 102 -7.85 -12.58 -7.57
C ASP A 102 -7.88 -11.91 -6.24
N PHE A 103 -8.58 -10.79 -6.18
CA PHE A 103 -8.81 -10.04 -4.96
C PHE A 103 -10.33 -9.75 -4.88
N ILE A 104 -10.80 -9.66 -3.66
CA ILE A 104 -12.18 -9.20 -3.37
C ILE A 104 -12.17 -8.20 -2.26
N THR A 105 -12.82 -7.05 -2.44
CA THR A 105 -12.98 -6.09 -1.39
C THR A 105 -14.50 -5.82 -1.21
N VAL A 106 -14.86 -5.55 0.04
CA VAL A 106 -16.29 -5.32 0.37
C VAL A 106 -16.50 -3.92 0.82
N HIS A 107 -17.58 -3.30 0.27
CA HIS A 107 -17.90 -1.90 0.56
C HIS A 107 -19.42 -1.70 0.68
N THR A 108 -20.00 -2.50 1.58
CA THR A 108 -21.48 -2.58 1.79
C THR A 108 -21.76 -2.16 3.22
N PRO A 109 -23.05 -1.86 3.49
CA PRO A 109 -23.47 -1.74 4.88
C PRO A 109 -23.62 -3.15 5.43
N LEU A 110 -23.70 -3.28 6.74
CA LEU A 110 -24.00 -4.52 7.43
C LEU A 110 -25.55 -4.63 7.53
N LEU A 111 -26.07 -5.53 6.73
CA LEU A 111 -27.55 -5.85 6.69
C LEU A 111 -27.67 -7.35 6.77
N PRO A 112 -28.90 -7.86 7.02
CA PRO A 112 -29.03 -9.31 6.93
C PRO A 112 -28.51 -9.90 5.64
N SER A 113 -28.77 -9.25 4.52
CA SER A 113 -28.32 -9.75 3.22
C SER A 113 -26.81 -9.69 2.99
N THR A 114 -26.12 -8.88 3.77
CA THR A 114 -24.67 -8.76 3.63
C THR A 114 -23.86 -9.37 4.78
N THR A 115 -24.51 -9.85 5.83
CA THR A 115 -23.80 -10.57 6.86
C THR A 115 -23.38 -11.92 6.31
N GLY A 116 -22.07 -12.27 6.41
CA GLY A 116 -21.53 -13.41 5.76
C GLY A 116 -21.76 -13.45 4.29
N LEU A 117 -21.72 -12.27 3.66
CA LEU A 117 -21.66 -12.19 2.22
C LEU A 117 -20.58 -13.14 1.69
N LEU A 118 -19.41 -13.10 2.33
N LEU A 118 -19.39 -13.10 2.33
CA LEU A 118 -18.36 -14.13 2.14
CA LEU A 118 -18.36 -14.13 2.12
C LEU A 118 -18.47 -15.10 3.29
C LEU A 118 -18.48 -15.10 3.28
N ASN A 119 -18.84 -16.33 2.95
CA ASN A 119 -19.00 -17.41 3.96
C ASN A 119 -18.47 -18.67 3.38
N ASP A 120 -18.80 -19.84 3.98
CA ASP A 120 -18.27 -21.08 3.41
C ASP A 120 -18.70 -21.34 1.99
N ASN A 121 -20.00 -21.06 1.76
CA ASN A 121 -20.57 -21.29 0.48
C ASN A 121 -20.03 -20.41 -0.62
N THR A 122 -19.75 -19.13 -0.30
CA THR A 122 -19.13 -18.27 -1.30
C THR A 122 -17.62 -18.40 -1.45
N PHE A 123 -16.93 -18.69 -0.33
CA PHE A 123 -15.51 -19.06 -0.49
C PHE A 123 -15.36 -20.26 -1.42
N ALA A 124 -16.30 -21.26 -1.33
CA ALA A 124 -16.14 -22.43 -2.18
C ALA A 124 -16.20 -22.13 -3.66
N GLN A 125 -16.87 -21.03 -4.01
CA GLN A 125 -17.05 -20.63 -5.41
C GLN A 125 -15.88 -19.70 -5.93
N CYS A 126 -15.03 -19.26 -5.06
CA CYS A 126 -13.88 -18.39 -5.43
C CYS A 126 -12.83 -19.25 -6.11
N LYS A 127 -11.93 -18.53 -6.81
CA LYS A 127 -10.68 -19.08 -7.29
C LYS A 127 -9.79 -19.43 -6.09
N LYS A 128 -9.11 -20.58 -6.15
CA LYS A 128 -8.20 -20.97 -5.06
C LYS A 128 -7.09 -19.90 -4.97
N GLY A 129 -6.81 -19.48 -3.75
CA GLY A 129 -5.81 -18.45 -3.48
C GLY A 129 -6.33 -17.06 -3.54
N VAL A 130 -7.65 -16.87 -3.55
CA VAL A 130 -8.18 -15.51 -3.56
C VAL A 130 -7.70 -14.75 -2.34
N ARG A 131 -7.50 -13.44 -2.48
CA ARG A 131 -7.18 -12.59 -1.37
C ARG A 131 -8.34 -11.67 -1.09
N VAL A 132 -8.63 -11.43 0.19
N VAL A 132 -8.64 -11.45 0.19
CA VAL A 132 -9.83 -10.70 0.59
CA VAL A 132 -9.86 -10.67 0.56
C VAL A 132 -9.53 -9.51 1.50
C VAL A 132 -9.54 -9.51 1.50
N VAL A 133 -10.22 -8.38 1.27
CA VAL A 133 -10.12 -7.21 2.11
C VAL A 133 -11.48 -6.87 2.72
N ASN A 134 -11.51 -6.58 4.01
CA ASN A 134 -12.70 -5.95 4.63
C ASN A 134 -12.27 -4.72 5.45
N CYS A 135 -12.44 -3.57 4.83
CA CYS A 135 -12.30 -2.28 5.49
C CYS A 135 -13.66 -1.56 5.68
N ALA A 136 -14.76 -2.34 5.61
CA ALA A 136 -16.13 -1.79 5.61
C ALA A 136 -16.79 -2.00 6.98
N ARG A 137 -17.38 -3.17 7.23
CA ARG A 137 -18.05 -3.45 8.51
C ARG A 137 -17.74 -4.89 8.93
N GLY A 138 -17.50 -5.05 10.22
CA GLY A 138 -17.19 -6.39 10.72
C GLY A 138 -18.43 -7.28 10.69
N GLY A 139 -18.22 -8.45 10.17
CA GLY A 139 -19.35 -9.40 9.96
C GLY A 139 -19.70 -9.62 8.53
N ILE A 140 -19.31 -8.74 7.58
CA ILE A 140 -19.59 -8.96 6.19
C ILE A 140 -18.93 -10.24 5.72
N VAL A 141 -17.66 -10.37 6.09
CA VAL A 141 -16.94 -11.64 5.95
C VAL A 141 -17.13 -12.52 7.24
N ASP A 142 -17.72 -13.73 7.04
CA ASP A 142 -17.88 -14.65 8.12
C ASP A 142 -16.49 -15.05 8.59
N GLU A 143 -16.24 -14.81 9.86
CA GLU A 143 -14.85 -15.00 10.39
C GLU A 143 -14.46 -16.48 10.51
N GLY A 144 -15.43 -17.32 10.90
CA GLY A 144 -15.19 -18.74 10.89
C GLY A 144 -14.87 -19.31 9.50
N ALA A 145 -15.59 -18.85 8.47
CA ALA A 145 -15.42 -19.33 7.12
C ALA A 145 -14.07 -18.85 6.57
N LEU A 146 -13.73 -17.59 6.88
CA LEU A 146 -12.41 -17.06 6.50
C LEU A 146 -11.28 -17.86 7.08
N LEU A 147 -11.32 -18.16 8.38
CA LEU A 147 -10.29 -18.99 8.95
C LEU A 147 -10.17 -20.34 8.27
N ARG A 148 -11.32 -21.02 8.06
CA ARG A 148 -11.30 -22.30 7.31
C ARG A 148 -10.70 -22.13 5.93
N ALA A 149 -11.07 -21.04 5.27
CA ALA A 149 -10.49 -20.83 3.92
C ALA A 149 -8.90 -20.53 3.94
N LEU A 150 -8.48 -19.83 4.97
CA LEU A 150 -7.01 -19.58 5.14
C LEU A 150 -6.26 -20.88 5.48
N GLN A 151 -6.92 -21.74 6.28
CA GLN A 151 -6.32 -23.02 6.66
C GLN A 151 -6.13 -23.96 5.50
N SER A 152 -7.10 -23.95 4.55
CA SER A 152 -6.99 -24.80 3.39
C SER A 152 -6.18 -24.25 2.26
N GLY A 153 -5.98 -22.91 2.26
CA GLY A 153 -5.31 -22.26 1.17
C GLY A 153 -6.31 -21.74 0.17
N GLN A 154 -7.58 -22.06 0.36
CA GLN A 154 -8.61 -21.54 -0.56
C GLN A 154 -8.56 -19.99 -0.63
N CYS A 155 -8.34 -19.36 0.50
CA CYS A 155 -7.99 -17.93 0.64
C CYS A 155 -6.47 -17.88 0.98
N ALA A 156 -5.69 -17.17 0.17
CA ALA A 156 -4.24 -17.04 0.40
C ALA A 156 -3.88 -15.95 1.39
N GLY A 157 -4.80 -15.04 1.64
CA GLY A 157 -4.54 -13.96 2.58
C GLY A 157 -5.73 -13.04 2.74
N ALA A 158 -5.77 -12.34 3.87
CA ALA A 158 -6.85 -11.40 4.15
C ALA A 158 -6.35 -10.21 4.95
N ALA A 159 -6.95 -9.09 4.68
CA ALA A 159 -6.64 -7.84 5.32
C ALA A 159 -7.93 -7.33 5.97
N LEU A 160 -7.91 -7.16 7.28
CA LEU A 160 -9.12 -6.83 8.06
C LEU A 160 -8.88 -5.58 8.89
N ASP A 161 -9.68 -4.54 8.65
CA ASP A 161 -9.70 -3.34 9.51
C ASP A 161 -10.82 -3.42 10.56
N VAL A 162 -11.77 -4.37 10.36
CA VAL A 162 -13.01 -4.46 11.14
C VAL A 162 -13.25 -5.93 11.48
N PHE A 163 -13.98 -6.13 12.59
CA PHE A 163 -14.19 -7.43 13.13
C PHE A 163 -15.60 -7.48 13.71
N THR A 164 -16.14 -8.69 13.74
CA THR A 164 -17.52 -8.95 14.17
C THR A 164 -17.68 -8.48 15.59
N GLU A 165 -16.63 -8.66 16.37
CA GLU A 165 -16.50 -8.02 17.68
C GLU A 165 -15.19 -7.26 17.73
N GLU A 166 -15.23 -6.07 18.31
CA GLU A 166 -14.09 -5.16 18.29
C GLU A 166 -13.78 -4.65 19.70
N PRO A 167 -12.57 -4.91 20.22
CA PRO A 167 -11.55 -5.82 19.64
C PRO A 167 -12.00 -7.30 19.58
N PRO A 168 -11.41 -8.11 18.67
CA PRO A 168 -11.89 -9.50 18.50
C PRO A 168 -11.41 -10.33 19.66
N ARG A 169 -12.30 -11.15 20.21
CA ARG A 169 -12.03 -11.88 21.44
C ARG A 169 -11.28 -13.17 21.05
N ASP A 170 -11.69 -13.75 19.93
CA ASP A 170 -11.05 -14.92 19.33
C ASP A 170 -9.95 -14.39 18.44
N ARG A 171 -8.73 -14.86 18.69
CA ARG A 171 -7.51 -14.29 18.10
C ARG A 171 -6.94 -15.10 16.91
N ALA A 172 -7.66 -16.14 16.50
CA ALA A 172 -7.16 -17.07 15.46
C ALA A 172 -6.88 -16.34 14.11
N LEU A 173 -7.81 -15.49 13.67
CA LEU A 173 -7.62 -14.77 12.43
C LEU A 173 -6.45 -13.82 12.55
N VAL A 174 -6.47 -12.97 13.58
CA VAL A 174 -5.36 -11.97 13.79
C VAL A 174 -4.05 -12.67 13.82
N ASP A 175 -4.00 -13.79 14.51
CA ASP A 175 -2.76 -14.53 14.70
C ASP A 175 -2.28 -15.27 13.44
N HIS A 176 -3.13 -15.42 12.42
CA HIS A 176 -2.75 -16.18 11.22
C HIS A 176 -1.69 -15.43 10.40
N GLU A 177 -0.66 -16.14 9.91
CA GLU A 177 0.42 -15.48 9.25
C GLU A 177 0.04 -14.76 8.00
N ASN A 178 -1.00 -15.26 7.34
CA ASN A 178 -1.51 -14.61 6.11
C ASN A 178 -2.59 -13.55 6.32
N VAL A 179 -2.80 -13.14 7.55
CA VAL A 179 -3.76 -12.09 7.88
C VAL A 179 -3.01 -10.81 8.35
N ILE A 180 -3.38 -9.69 7.73
CA ILE A 180 -2.89 -8.35 8.13
C ILE A 180 -4.11 -7.66 8.72
N SER A 181 -3.92 -6.84 9.70
CA SER A 181 -5.02 -6.23 10.42
C SER A 181 -4.67 -4.86 11.00
N CYS A 182 -5.67 -4.05 11.24
CA CYS A 182 -5.55 -2.76 11.92
C CYS A 182 -6.70 -2.62 12.92
N PRO A 183 -6.56 -1.78 13.94
CA PRO A 183 -7.64 -1.60 14.90
C PRO A 183 -8.69 -0.58 14.42
N HIS A 184 -9.36 -0.94 13.34
CA HIS A 184 -10.41 -0.06 12.79
C HIS A 184 -9.89 1.34 12.53
N LEU A 185 -8.89 1.41 11.65
CA LEU A 185 -8.28 2.68 11.27
C LEU A 185 -8.83 3.38 10.05
N GLY A 186 -9.91 2.89 9.45
CA GLY A 186 -10.37 3.41 8.13
C GLY A 186 -10.67 4.92 7.99
N ALA A 187 -11.15 5.53 9.08
CA ALA A 187 -11.44 6.96 9.10
C ALA A 187 -10.36 7.73 9.89
N SER A 188 -9.29 7.05 10.30
CA SER A 188 -8.35 7.59 11.29
C SER A 188 -7.23 8.33 10.57
N THR A 189 -7.63 9.45 9.96
CA THR A 189 -6.68 10.38 9.47
C THR A 189 -6.93 11.74 10.10
N LYS A 190 -5.88 12.55 10.11
CA LYS A 190 -5.93 13.93 10.59
C LYS A 190 -7.00 14.67 9.73
N GLU A 191 -7.04 14.36 8.44
CA GLU A 191 -7.88 15.12 7.50
C GLU A 191 -9.37 14.77 7.63
N ALA A 192 -9.69 13.48 7.54
CA ALA A 192 -11.06 13.02 7.78
C ALA A 192 -11.63 13.62 9.07
N GLN A 193 -10.75 13.70 10.08
CA GLN A 193 -11.16 14.14 11.43
C GLN A 193 -11.63 15.59 11.51
N SER A 194 -11.01 16.47 10.74
CA SER A 194 -11.52 17.84 10.59
C SER A 194 -12.17 17.94 9.21
N ARG A 195 -13.50 18.01 9.19
CA ARG A 195 -14.30 17.87 7.96
C ARG A 195 -13.58 18.26 6.66
N ASN B 1 12.80 -3.82 -15.93
CA ASN B 1 12.22 -3.99 -17.30
C ASN B 1 10.96 -4.92 -17.38
N GLY B 2 11.15 -6.24 -17.32
CA GLY B 2 10.10 -7.11 -16.80
C GLY B 2 9.73 -6.61 -15.39
N ASN B 3 10.77 -6.37 -14.60
CA ASN B 3 10.67 -6.08 -13.18
C ASN B 3 10.34 -4.59 -12.80
N SER B 4 10.18 -3.70 -13.81
CA SER B 4 9.85 -2.28 -13.54
C SER B 4 8.60 -2.15 -12.70
N LEU B 5 7.54 -2.83 -13.15
CA LEU B 5 6.25 -2.87 -12.41
C LEU B 5 6.27 -3.50 -11.04
N SER B 6 7.03 -4.58 -10.86
CA SER B 6 7.20 -5.15 -9.51
C SER B 6 7.79 -4.14 -8.52
N ALA B 7 8.81 -3.40 -9.02
CA ALA B 7 9.47 -2.37 -8.17
C ALA B 7 8.55 -1.15 -7.90
N ALA B 8 7.90 -0.71 -8.96
CA ALA B 8 6.99 0.40 -8.85
C ALA B 8 5.81 0.10 -7.92
N GLU B 9 5.29 -1.15 -8.02
CA GLU B 9 4.21 -1.56 -7.13
C GLU B 9 4.61 -1.58 -5.67
N LEU B 10 5.80 -2.13 -5.40
CA LEU B 10 6.29 -2.18 -4.05
C LEU B 10 6.48 -0.78 -3.44
N THR B 11 7.05 0.11 -4.29
CA THR B 11 7.24 1.47 -3.84
C THR B 11 5.85 2.14 -3.44
N CYS B 12 4.79 1.92 -4.28
CA CYS B 12 3.49 2.51 -3.96
C CYS B 12 2.86 1.86 -2.66
N GLY B 13 3.15 0.59 -2.48
CA GLY B 13 2.81 -0.16 -1.23
C GLY B 13 3.39 0.49 -0.04
N MET B 14 4.71 0.83 -0.20
N MET B 14 4.69 0.84 -0.24
CA MET B 14 5.45 1.42 0.92
CA MET B 14 5.43 1.43 0.84
C MET B 14 4.98 2.84 1.27
C MET B 14 4.98 2.82 1.24
N ILE B 15 4.61 3.60 0.24
CA ILE B 15 4.00 4.93 0.44
C ILE B 15 2.73 4.79 1.27
N MET B 16 1.82 3.90 0.84
N MET B 16 1.84 3.85 0.86
CA MET B 16 0.53 3.67 1.58
CA MET B 16 0.56 3.57 1.60
C MET B 16 0.80 3.16 3.00
C MET B 16 0.84 3.17 3.01
N CYS B 17 1.77 2.25 3.18
CA CYS B 17 2.15 1.80 4.50
C CYS B 17 2.70 2.90 5.42
N LEU B 18 3.51 3.81 4.86
CA LEU B 18 3.92 4.99 5.63
C LEU B 18 2.78 5.90 6.02
N ALA B 19 1.79 6.09 5.13
CA ALA B 19 0.71 7.02 5.47
C ALA B 19 -0.16 6.51 6.58
N ARG B 20 -0.31 5.19 6.61
CA ARG B 20 -1.29 4.56 7.51
C ARG B 20 -0.73 3.64 8.58
N GLN B 21 0.59 3.44 8.57
CA GLN B 21 1.26 2.63 9.56
C GLN B 21 0.70 1.21 9.66
N ILE B 22 0.43 0.64 8.51
CA ILE B 22 -0.21 -0.65 8.42
C ILE B 22 0.70 -1.73 9.04
N PRO B 23 2.05 -1.74 8.71
CA PRO B 23 2.86 -2.79 9.38
C PRO B 23 2.88 -2.68 10.92
N GLN B 24 3.02 -1.47 11.47
CA GLN B 24 3.04 -1.30 12.89
C GLN B 24 1.71 -1.74 13.53
N ALA B 25 0.70 -1.35 12.83
CA ALA B 25 -0.67 -1.70 13.31
C ALA B 25 -0.92 -3.21 13.38
N THR B 26 -0.53 -3.92 12.34
CA THR B 26 -0.58 -5.36 12.31
C THR B 26 0.26 -5.92 13.45
N ALA B 27 1.51 -5.42 13.65
CA ALA B 27 2.28 -5.93 14.79
C ALA B 27 1.54 -5.70 16.12
N SER B 28 0.98 -4.50 16.28
CA SER B 28 0.22 -4.16 17.50
C SER B 28 -0.93 -5.15 17.70
N MET B 29 -1.64 -5.42 16.62
CA MET B 29 -2.75 -6.40 16.74
C MET B 29 -2.27 -7.80 17.14
N LYS B 30 -1.14 -8.21 16.52
CA LYS B 30 -0.59 -9.53 16.78
C LYS B 30 -0.04 -9.68 18.15
N ASP B 31 0.29 -8.56 18.79
CA ASP B 31 0.75 -8.54 20.17
C ASP B 31 -0.44 -8.42 21.16
N GLY B 32 -1.67 -8.54 20.65
CA GLY B 32 -2.88 -8.64 21.50
C GLY B 32 -3.51 -7.30 21.81
N LYS B 33 -3.04 -6.26 21.15
CA LYS B 33 -3.41 -4.91 21.49
C LYS B 33 -4.40 -4.30 20.49
N TRP B 34 -5.11 -3.28 20.97
CA TRP B 34 -6.13 -2.54 20.19
C TRP B 34 -5.91 -1.07 20.49
N GLU B 35 -5.08 -0.46 19.65
CA GLU B 35 -4.45 0.84 19.89
C GLU B 35 -4.85 1.84 18.83
N ARG B 36 -6.13 2.17 18.81
CA ARG B 36 -6.66 2.99 17.72
C ARG B 36 -6.08 4.38 17.65
N LYS B 37 -5.96 5.01 18.80
CA LYS B 37 -5.44 6.40 18.88
C LYS B 37 -3.99 6.44 18.39
N LYS B 38 -3.15 5.51 18.88
CA LYS B 38 -1.74 5.47 18.44
C LYS B 38 -1.52 5.50 16.91
N PHE B 39 -2.40 4.89 16.13
CA PHE B 39 -2.10 4.78 14.68
C PHE B 39 -3.00 5.66 13.80
N MET B 40 -3.47 6.77 14.37
CA MET B 40 -3.90 7.94 13.59
C MET B 40 -2.92 8.27 12.45
N GLY B 41 -3.38 8.23 11.21
CA GLY B 41 -2.55 8.44 10.05
C GLY B 41 -2.87 9.69 9.23
N THR B 42 -2.47 9.64 7.96
CA THR B 42 -2.59 10.77 7.06
C THR B 42 -3.12 10.34 5.70
N GLU B 43 -3.92 11.24 5.11
CA GLU B 43 -4.47 11.00 3.78
C GLU B 43 -3.45 11.38 2.73
N LEU B 44 -3.35 10.60 1.68
CA LEU B 44 -2.46 10.91 0.55
C LEU B 44 -3.01 12.01 -0.40
N ASN B 45 -4.34 12.09 -0.56
CA ASN B 45 -4.94 13.03 -1.49
C ASN B 45 -4.47 14.43 -1.11
N GLY B 46 -4.01 15.21 -2.10
CA GLY B 46 -3.53 16.52 -1.86
C GLY B 46 -2.10 16.71 -1.39
N LYS B 47 -1.41 15.62 -1.10
N LYS B 47 -1.43 15.65 -1.00
CA LYS B 47 -0.05 15.66 -0.61
CA LYS B 47 -0.06 15.74 -0.57
C LYS B 47 0.91 15.68 -1.80
C LYS B 47 0.93 15.61 -1.75
N THR B 48 2.10 16.22 -1.52
CA THR B 48 3.16 16.25 -2.50
C THR B 48 4.13 15.09 -2.36
N LEU B 49 4.32 14.41 -3.47
CA LEU B 49 5.28 13.37 -3.65
C LEU B 49 6.38 13.88 -4.55
N GLY B 50 7.65 13.82 -4.02
CA GLY B 50 8.82 14.06 -4.79
C GLY B 50 9.45 12.79 -5.28
N ILE B 51 9.75 12.74 -6.57
CA ILE B 51 10.27 11.61 -7.21
C ILE B 51 11.63 11.97 -7.79
N LEU B 52 12.65 11.35 -7.24
CA LEU B 52 14.03 11.68 -7.65
C LEU B 52 14.48 10.57 -8.56
N GLY B 53 14.61 10.79 -9.88
CA GLY B 53 14.82 9.76 -10.89
C GLY B 53 13.53 9.49 -11.62
N LEU B 54 13.49 9.93 -12.87
CA LEU B 54 12.24 9.94 -13.66
C LEU B 54 12.24 9.02 -14.85
N GLY B 55 13.02 7.94 -14.73
CA GLY B 55 13.07 6.83 -15.64
C GLY B 55 11.83 5.94 -15.48
N ARG B 56 11.94 4.73 -15.99
CA ARG B 56 10.75 3.89 -16.13
C ARG B 56 10.04 3.64 -14.78
N ILE B 57 10.78 3.21 -13.78
CA ILE B 57 10.18 2.98 -12.48
C ILE B 57 9.60 4.25 -11.82
N GLY B 58 10.38 5.34 -11.75
CA GLY B 58 9.84 6.61 -11.29
C GLY B 58 8.53 7.05 -11.97
N ARG B 59 8.46 6.86 -13.29
N ARG B 59 8.46 6.82 -13.27
CA ARG B 59 7.27 7.26 -14.09
CA ARG B 59 7.29 7.27 -14.03
C ARG B 59 6.06 6.48 -13.62
C ARG B 59 6.12 6.38 -13.74
N GLU B 60 6.29 5.19 -13.47
N GLU B 60 6.39 5.12 -13.44
CA GLU B 60 5.18 4.28 -13.09
CA GLU B 60 5.27 4.20 -13.13
C GLU B 60 4.65 4.55 -11.70
C GLU B 60 4.68 4.49 -11.73
N VAL B 61 5.56 4.84 -10.78
CA VAL B 61 5.15 5.28 -9.45
C VAL B 61 4.30 6.56 -9.63
N ALA B 62 4.78 7.52 -10.43
CA ALA B 62 4.07 8.74 -10.65
C ALA B 62 2.61 8.54 -11.07
N THR B 63 2.42 7.75 -12.09
CA THR B 63 1.07 7.66 -12.63
C THR B 63 0.12 6.93 -11.65
N ARG B 64 0.64 5.96 -10.92
CA ARG B 64 -0.17 5.31 -9.87
C ARG B 64 -0.52 6.27 -8.77
N MET B 65 0.47 7.04 -8.28
CA MET B 65 0.18 7.90 -7.17
C MET B 65 -0.73 9.10 -7.54
N GLN B 66 -0.57 9.56 -8.80
CA GLN B 66 -1.44 10.60 -9.33
C GLN B 66 -2.96 10.20 -9.19
N SER B 67 -3.27 8.89 -9.22
CA SER B 67 -4.70 8.44 -9.12
C SER B 67 -5.20 8.64 -7.70
N PHE B 68 -4.34 8.70 -6.70
CA PHE B 68 -4.61 9.04 -5.31
C PHE B 68 -4.73 10.56 -5.07
N GLY B 69 -4.58 11.37 -6.11
CA GLY B 69 -4.62 12.81 -5.94
C GLY B 69 -3.34 13.44 -5.45
N MET B 70 -2.24 12.66 -5.47
CA MET B 70 -0.97 13.26 -5.05
C MET B 70 -0.45 14.25 -6.10
N LYS B 71 0.16 15.34 -5.63
N LYS B 71 0.24 15.29 -5.62
CA LYS B 71 0.88 16.22 -6.51
CA LYS B 71 0.91 16.21 -6.52
C LYS B 71 2.23 15.55 -6.70
C LYS B 71 2.30 15.72 -6.73
N THR B 72 2.58 15.28 -7.94
CA THR B 72 3.87 14.66 -8.26
C THR B 72 4.86 15.67 -8.89
N ILE B 73 5.93 15.93 -8.13
CA ILE B 73 7.05 16.76 -8.54
C ILE B 73 8.26 15.90 -8.58
N GLY B 74 9.36 16.43 -9.14
CA GLY B 74 10.59 15.60 -9.15
C GLY B 74 11.77 16.24 -9.83
N TYR B 75 12.82 15.44 -9.97
CA TYR B 75 14.08 15.90 -10.55
C TYR B 75 14.75 14.73 -11.25
N ASP B 76 15.39 15.00 -12.39
CA ASP B 76 16.16 14.05 -13.13
C ASP B 76 17.16 14.95 -13.90
N PRO B 77 18.47 14.59 -13.98
CA PRO B 77 19.42 15.45 -14.70
C PRO B 77 19.33 15.27 -16.20
N ILE B 78 18.62 14.23 -16.68
CA ILE B 78 18.61 13.90 -18.11
C ILE B 78 17.30 14.15 -18.83
N ILE B 79 16.21 13.93 -18.11
CA ILE B 79 14.94 14.14 -18.68
C ILE B 79 14.52 15.59 -18.62
N SER B 80 13.99 16.06 -19.75
CA SER B 80 13.58 17.45 -19.90
C SER B 80 12.24 17.70 -19.19
N PRO B 81 12.02 18.95 -18.74
CA PRO B 81 10.79 19.29 -18.09
C PRO B 81 9.51 19.10 -18.93
N GLU B 82 9.59 19.30 -20.23
N GLU B 82 9.61 19.36 -20.24
CA GLU B 82 8.41 19.07 -21.08
CA GLU B 82 8.54 19.12 -21.24
C GLU B 82 8.08 17.58 -21.15
C GLU B 82 8.13 17.63 -21.26
N VAL B 83 9.12 16.74 -21.18
CA VAL B 83 8.88 15.30 -21.18
C VAL B 83 8.24 14.82 -19.85
N SER B 84 8.78 15.25 -18.72
CA SER B 84 8.24 14.84 -17.42
C SER B 84 6.82 15.38 -17.27
N ALA B 85 6.57 16.57 -17.77
CA ALA B 85 5.23 17.10 -17.76
C ALA B 85 4.22 16.20 -18.52
N SER B 86 4.69 15.59 -19.59
CA SER B 86 3.82 14.70 -20.36
C SER B 86 3.39 13.44 -19.56
N PHE B 87 4.05 13.10 -18.46
CA PHE B 87 3.57 12.06 -17.51
C PHE B 87 3.26 12.60 -16.12
N GLY B 88 2.92 13.89 -16.09
CA GLY B 88 2.45 14.52 -14.92
C GLY B 88 3.40 14.79 -13.77
N VAL B 89 4.71 14.81 -14.04
CA VAL B 89 5.65 15.22 -13.04
C VAL B 89 6.25 16.57 -13.35
N GLN B 90 6.06 17.46 -12.40
CA GLN B 90 6.60 18.83 -12.51
C GLN B 90 8.04 18.83 -12.06
N GLN B 91 8.96 19.11 -12.98
CA GLN B 91 10.37 19.13 -12.61
C GLN B 91 10.78 20.48 -12.07
N LEU B 92 11.61 20.43 -11.03
CA LEU B 92 12.20 21.55 -10.40
C LEU B 92 13.62 21.20 -10.08
N PRO B 93 14.43 22.24 -9.88
CA PRO B 93 15.73 21.93 -9.28
C PRO B 93 15.65 21.34 -7.87
N LEU B 94 16.62 20.49 -7.54
CA LEU B 94 16.63 19.82 -6.27
C LEU B 94 16.38 20.65 -5.10
N GLU B 95 17.10 21.79 -5.02
CA GLU B 95 16.97 22.63 -3.85
C GLU B 95 15.51 23.10 -3.67
N GLU B 96 14.76 23.19 -4.78
CA GLU B 96 13.35 23.55 -4.69
C GLU B 96 12.43 22.41 -4.24
N ILE B 97 12.93 21.19 -4.38
CA ILE B 97 12.12 20.00 -4.12
C ILE B 97 12.03 19.79 -2.65
N TRP B 98 13.13 19.78 -1.94
CA TRP B 98 13.10 19.41 -0.54
C TRP B 98 11.98 20.06 0.31
N PRO B 99 11.82 21.39 0.24
CA PRO B 99 10.84 22.00 1.21
C PRO B 99 9.35 21.75 0.90
N LEU B 100 9.08 21.34 -0.34
CA LEU B 100 7.71 21.05 -0.83
C LEU B 100 7.20 19.67 -0.49
N CYS B 101 8.03 18.68 -0.19
CA CYS B 101 7.56 17.26 -0.20
C CYS B 101 7.00 16.80 1.11
N ASP B 102 5.85 16.11 1.04
CA ASP B 102 5.39 15.31 2.13
C ASP B 102 5.98 13.88 2.13
N PHE B 103 6.19 13.37 0.93
CA PHE B 103 6.83 12.10 0.72
C PHE B 103 7.93 12.30 -0.35
N ILE B 104 9.06 11.56 -0.16
CA ILE B 104 10.07 11.48 -1.16
C ILE B 104 10.39 10.06 -1.49
N THR B 105 10.49 9.69 -2.75
CA THR B 105 10.89 8.37 -3.19
C THR B 105 12.05 8.48 -4.19
N VAL B 106 13.00 7.58 -4.14
CA VAL B 106 14.21 7.59 -4.97
C VAL B 106 14.21 6.50 -5.97
N HIS B 107 14.57 6.82 -7.22
CA HIS B 107 14.59 5.90 -8.32
C HIS B 107 15.75 6.15 -9.27
N THR B 108 16.93 6.15 -8.66
CA THR B 108 18.23 6.48 -9.35
C THR B 108 19.12 5.25 -9.32
N PRO B 109 20.12 5.21 -10.24
CA PRO B 109 21.22 4.27 -10.02
C PRO B 109 22.06 4.76 -8.86
N LEU B 110 22.97 3.92 -8.36
CA LEU B 110 23.96 4.29 -7.31
C LEU B 110 25.19 4.71 -8.02
N LEU B 111 25.44 6.01 -7.93
CA LEU B 111 26.59 6.70 -8.56
C LEU B 111 27.17 7.63 -7.53
N PRO B 112 28.36 8.20 -7.82
CA PRO B 112 28.85 9.29 -6.93
C PRO B 112 27.87 10.45 -6.72
N SER B 113 27.15 10.85 -7.78
CA SER B 113 26.17 11.93 -7.64
C SER B 113 24.92 11.54 -6.86
N THR B 114 24.64 10.24 -6.69
CA THR B 114 23.43 9.79 -5.99
C THR B 114 23.67 9.10 -4.66
N THR B 115 24.91 8.82 -4.30
CA THR B 115 25.19 8.26 -3.00
C THR B 115 25.03 9.31 -1.94
N GLY B 116 24.24 9.09 -0.92
CA GLY B 116 23.83 10.08 0.03
C GLY B 116 23.19 11.31 -0.59
N LEU B 117 22.42 11.11 -1.66
CA LEU B 117 21.59 12.17 -2.22
C LEU B 117 20.71 12.78 -1.10
N LEU B 118 20.13 11.93 -0.23
N LEU B 118 20.16 11.95 -0.23
CA LEU B 118 19.50 12.42 1.01
CA LEU B 118 19.58 12.43 1.00
C LEU B 118 20.51 12.26 2.12
C LEU B 118 20.58 12.28 2.12
N ASN B 119 20.86 13.37 2.79
CA ASN B 119 21.93 13.41 3.82
C ASN B 119 21.54 14.41 4.90
N ASP B 120 22.43 14.77 5.83
CA ASP B 120 22.05 15.67 6.91
C ASP B 120 21.55 17.02 6.33
N ASN B 121 22.23 17.44 5.27
N ASN B 121 22.15 17.49 5.24
CA ASN B 121 21.97 18.71 4.70
CA ASN B 121 21.79 18.83 4.85
C ASN B 121 20.66 18.79 3.98
C ASN B 121 20.53 18.80 4.05
N THR B 122 20.31 17.76 3.22
CA THR B 122 19.08 17.75 2.46
C THR B 122 17.92 17.40 3.39
N PHE B 123 18.15 16.60 4.42
CA PHE B 123 17.04 16.41 5.40
C PHE B 123 16.67 17.73 6.09
N ALA B 124 17.66 18.58 6.38
CA ALA B 124 17.36 19.85 7.00
C ALA B 124 16.54 20.81 6.12
N GLN B 125 16.59 20.64 4.80
CA GLN B 125 15.89 21.47 3.87
C GLN B 125 14.42 20.95 3.64
N CYS B 126 14.11 19.73 4.12
CA CYS B 126 12.79 19.14 4.01
C CYS B 126 11.84 19.72 5.04
N LYS B 127 10.55 19.47 4.77
CA LYS B 127 9.47 19.84 5.63
C LYS B 127 9.58 18.92 6.85
N LYS B 128 9.36 19.46 8.02
CA LYS B 128 9.39 18.63 9.25
C LYS B 128 8.34 17.55 9.14
N GLY B 129 8.72 16.33 9.43
CA GLY B 129 7.82 15.15 9.26
C GLY B 129 7.78 14.52 7.88
N VAL B 130 8.70 14.81 6.99
CA VAL B 130 8.75 14.20 5.65
C VAL B 130 8.84 12.68 5.87
N ARG B 131 8.28 11.96 4.93
CA ARG B 131 8.34 10.50 4.89
C ARG B 131 9.15 10.11 3.68
N VAL B 132 10.04 9.14 3.83
N VAL B 132 10.09 9.17 3.86
CA VAL B 132 10.96 8.77 2.75
CA VAL B 132 10.94 8.73 2.73
C VAL B 132 10.86 7.28 2.37
C VAL B 132 10.86 7.24 2.37
N VAL B 133 10.97 6.95 1.08
CA VAL B 133 11.04 5.62 0.53
C VAL B 133 12.34 5.38 -0.25
N ASN B 134 13.01 4.26 0.02
CA ASN B 134 14.06 3.75 -0.87
C ASN B 134 13.80 2.28 -1.21
N CYS B 135 13.24 2.07 -2.38
CA CYS B 135 13.13 0.80 -3.04
C CYS B 135 14.05 0.64 -4.26
N ALA B 136 15.10 1.49 -4.32
CA ALA B 136 16.06 1.55 -5.44
C ALA B 136 17.40 0.90 -5.18
N ARG B 137 18.32 1.58 -4.53
CA ARG B 137 19.59 1.01 -4.24
C ARG B 137 20.00 1.48 -2.88
N GLY B 138 20.62 0.56 -2.11
CA GLY B 138 21.09 0.94 -0.80
C GLY B 138 22.26 1.97 -0.88
N GLY B 139 22.13 2.97 -0.05
CA GLY B 139 23.09 4.07 -0.08
C GLY B 139 22.65 5.37 -0.69
N ILE B 140 21.62 5.39 -1.51
CA ILE B 140 21.08 6.61 -2.03
C ILE B 140 20.69 7.55 -0.92
N VAL B 141 19.95 6.99 0.06
CA VAL B 141 19.70 7.64 1.32
C VAL B 141 20.80 7.32 2.33
N ASP B 142 21.47 8.38 2.85
CA ASP B 142 22.53 8.17 3.85
C ASP B 142 21.89 7.62 5.10
N GLU B 143 22.34 6.44 5.47
CA GLU B 143 21.63 5.71 6.56
C GLU B 143 21.79 6.38 7.92
N GLY B 144 23.01 6.84 8.17
CA GLY B 144 23.25 7.62 9.37
C GLY B 144 22.37 8.85 9.44
N ALA B 145 22.26 9.58 8.35
CA ALA B 145 21.48 10.84 8.37
C ALA B 145 19.99 10.57 8.52
N LEU B 146 19.59 9.52 7.87
CA LEU B 146 18.19 9.07 8.07
C LEU B 146 17.84 8.71 9.53
N LEU B 147 18.71 7.95 10.19
CA LEU B 147 18.53 7.71 11.60
C LEU B 147 18.44 8.95 12.43
N ARG B 148 19.43 9.85 12.23
CA ARG B 148 19.36 11.10 12.96
C ARG B 148 18.07 11.87 12.68
N ALA B 149 17.60 11.87 11.43
CA ALA B 149 16.32 12.58 11.09
C ALA B 149 15.09 11.92 11.75
N LEU B 150 15.13 10.60 11.82
CA LEU B 150 14.04 9.90 12.55
C LEU B 150 14.08 10.16 14.05
N GLN B 151 15.30 10.20 14.63
CA GLN B 151 15.46 10.51 16.05
C GLN B 151 15.00 11.90 16.44
N SER B 152 15.15 12.87 15.54
CA SER B 152 14.72 14.22 15.85
C SER B 152 13.26 14.48 15.49
N GLY B 153 12.67 13.64 14.62
CA GLY B 153 11.32 13.86 14.11
C GLY B 153 11.31 14.61 12.81
N GLN B 154 12.47 15.10 12.34
CA GLN B 154 12.54 15.75 11.05
C GLN B 154 12.00 14.84 9.93
N CYS B 155 12.28 13.55 10.07
CA CYS B 155 11.70 12.51 9.22
C CYS B 155 10.70 11.75 10.12
N ALA B 156 9.43 11.74 9.73
CA ALA B 156 8.35 11.03 10.51
C ALA B 156 8.30 9.54 10.23
N GLY B 157 8.91 9.10 9.14
CA GLY B 157 8.93 7.67 8.79
C GLY B 157 9.71 7.36 7.56
N ALA B 158 10.16 6.10 7.40
CA ALA B 158 10.83 5.66 6.25
C ALA B 158 10.52 4.23 5.90
N ALA B 159 10.60 3.91 4.63
CA ALA B 159 10.40 2.61 4.13
C ALA B 159 11.60 2.20 3.28
N LEU B 160 12.25 1.13 3.69
CA LEU B 160 13.46 0.67 3.09
C LEU B 160 13.36 -0.76 2.56
N ASP B 161 13.54 -0.99 1.27
CA ASP B 161 13.70 -2.32 0.68
C ASP B 161 15.16 -2.72 0.50
N VAL B 162 16.10 -1.70 0.58
CA VAL B 162 17.51 -1.87 0.26
C VAL B 162 18.36 -1.13 1.31
N PHE B 163 19.57 -1.70 1.49
CA PHE B 163 20.49 -1.26 2.53
C PHE B 163 21.92 -1.24 1.96
N THR B 164 22.75 -0.43 2.58
CA THR B 164 24.14 -0.27 2.20
C THR B 164 24.86 -1.62 2.35
N GLU B 165 24.50 -2.37 3.38
CA GLU B 165 24.91 -3.76 3.48
C GLU B 165 23.66 -4.64 3.63
N GLU B 166 23.63 -5.79 2.95
CA GLU B 166 22.45 -6.67 2.89
C GLU B 166 22.94 -8.09 3.25
N PRO B 167 22.35 -8.74 4.29
CA PRO B 167 21.44 -8.10 5.26
C PRO B 167 22.15 -7.03 6.07
N PRO B 168 21.43 -6.02 6.58
CA PRO B 168 22.08 -4.93 7.29
C PRO B 168 22.61 -5.40 8.63
N ARG B 169 23.86 -5.06 8.87
CA ARG B 169 24.64 -5.47 10.04
C ARG B 169 24.30 -4.49 11.16
N ASP B 170 24.13 -3.22 10.78
CA ASP B 170 23.64 -2.19 11.67
C ASP B 170 22.12 -2.24 11.67
N ARG B 171 21.50 -2.40 12.87
CA ARG B 171 20.08 -2.67 13.05
C ARG B 171 19.24 -1.48 13.54
N ALA B 172 19.87 -0.32 13.71
CA ALA B 172 19.23 0.83 14.36
C ALA B 172 18.08 1.40 13.53
N LEU B 173 18.29 1.49 12.23
CA LEU B 173 17.23 1.90 11.29
C LEU B 173 16.11 0.87 11.35
N VAL B 174 16.45 -0.38 11.10
CA VAL B 174 15.42 -1.44 11.01
C VAL B 174 14.54 -1.48 12.26
N ASP B 175 15.18 -1.39 13.40
CA ASP B 175 14.56 -1.46 14.69
C ASP B 175 13.73 -0.23 15.07
N HIS B 176 13.84 0.86 14.31
CA HIS B 176 13.11 2.09 14.67
C HIS B 176 11.62 1.95 14.41
N GLU B 177 10.81 2.47 15.34
CA GLU B 177 9.35 2.23 15.27
C GLU B 177 8.68 2.84 14.05
N ASN B 178 9.27 3.90 13.53
CA ASN B 178 8.79 4.56 12.30
C ASN B 178 9.38 4.06 10.99
N VAL B 179 10.15 2.98 11.04
CA VAL B 179 10.75 2.42 9.83
C VAL B 179 10.04 1.09 9.49
N ILE B 180 9.61 0.96 8.24
CA ILE B 180 9.09 -0.28 7.67
C ILE B 180 10.10 -0.80 6.64
N SER B 181 10.22 -2.09 6.47
CA SER B 181 11.31 -2.67 5.73
C SER B 181 11.01 -3.96 5.13
N CYS B 182 11.70 -4.34 4.10
CA CYS B 182 11.60 -5.65 3.45
C CYS B 182 13.02 -6.11 3.09
N PRO B 183 13.21 -7.38 2.88
CA PRO B 183 14.51 -7.91 2.55
C PRO B 183 14.73 -7.88 1.06
N HIS B 184 14.81 -6.65 0.52
CA HIS B 184 15.10 -6.49 -0.88
C HIS B 184 14.14 -7.33 -1.73
N LEU B 185 12.86 -7.00 -1.57
CA LEU B 185 11.80 -7.69 -2.28
C LEU B 185 11.28 -7.04 -3.58
N GLY B 186 11.90 -5.96 -4.04
CA GLY B 186 11.42 -5.17 -5.19
C GLY B 186 11.11 -5.93 -6.49
N ALA B 187 11.94 -6.95 -6.80
CA ALA B 187 11.78 -7.81 -7.97
C ALA B 187 11.22 -9.20 -7.61
N SER B 188 10.78 -9.40 -6.35
CA SER B 188 10.37 -10.71 -5.84
C SER B 188 8.88 -10.98 -6.04
N THR B 189 8.51 -11.10 -7.32
CA THR B 189 7.18 -11.54 -7.67
C THR B 189 7.31 -12.75 -8.57
N LYS B 190 6.27 -13.55 -8.59
CA LYS B 190 6.21 -14.71 -9.45
C LYS B 190 6.32 -14.26 -10.90
N GLU B 191 5.72 -13.10 -11.19
CA GLU B 191 5.66 -12.61 -12.58
C GLU B 191 7.00 -12.07 -13.10
N ALA B 192 7.60 -11.14 -12.38
CA ALA B 192 8.95 -10.63 -12.68
C ALA B 192 9.92 -11.79 -12.89
N GLN B 193 9.77 -12.84 -12.08
CA GLN B 193 10.68 -13.98 -12.09
C GLN B 193 10.67 -14.79 -13.38
N SER B 194 9.52 -14.94 -14.02
CA SER B 194 9.50 -15.56 -15.35
C SER B 194 9.31 -14.46 -16.37
N ARG B 195 10.37 -14.18 -17.14
CA ARG B 195 10.46 -12.98 -18.01
C ARG B 195 9.13 -12.41 -18.52
C4 9EZ C . -25.08 -6.21 -1.09
C5 9EZ C . -24.85 -4.92 -1.53
C6 9EZ C . -23.80 -4.68 -2.42
C7 9EZ C . -25.62 -3.79 -1.02
C8 9EZ C . -25.25 -2.43 -0.97
C9 9EZ C . -26.31 -1.76 -0.42
C10 9EZ C . -28.57 -2.52 0.43
N1 9EZ C . -27.26 -2.69 -0.14
N2 9EZ C . -26.85 -3.94 -0.50
C3 9EZ C . -24.31 -7.25 -1.57
N3 9EZ C . -26.45 -0.43 -0.16
C1 9EZ C . -23.04 -5.73 -2.89
C2 9EZ C . -23.27 -7.01 -2.45
C4 9EZ D . 20.66 12.47 -9.81
C5 9EZ D . 19.67 11.66 -10.34
C6 9EZ D . 18.36 11.82 -9.89
C7 9EZ D . 19.95 10.73 -11.44
C8 9EZ D . 19.13 9.79 -12.08
C9 9EZ D . 19.91 9.25 -13.10
C10 9EZ D . 22.27 9.66 -13.89
N1 9EZ D . 21.12 9.84 -13.03
N2 9EZ D . 21.16 10.75 -12.03
C3 9EZ D . 20.36 13.36 -8.81
N3 9EZ D . 19.63 8.27 -14.02
C1 9EZ D . 18.07 12.71 -8.87
C2 9EZ D . 19.08 13.50 -8.34
#